data_4Q0R
#
_entry.id   4Q0R
#
_cell.length_a   94.085
_cell.length_b   94.085
_cell.length_c   155.264
_cell.angle_alpha   90.00
_cell.angle_beta   90.00
_cell.angle_gamma   120.00
#
_symmetry.space_group_name_H-M   'P 32 2 1'
#
loop_
_entity.id
_entity.type
_entity.pdbx_description
1 polymer 'DNA repair protein RAD2'
2 polymer "DNA (5'-D(*CP*TP*GP*AP*GP*TP*CP*AP*GP*AP*GP*CP*AP*AP*A)-3')"
3 water water
#
loop_
_entity_poly.entity_id
_entity_poly.type
_entity_poly.pdbx_seq_one_letter_code
_entity_poly.pdbx_strand_id
1 'polypeptide(L)'
;S(MSE)GVHSFWDIAGPTARPVRLESLEDKR(MSE)AVDASIWIYQFLKAVRDQEGNAVKNSHITGFFRRICKLLYFGIR
PVFVFDGGVPVLKRETIRQRKERRQGKRESAKSTARKLLANTTLSTSAERNVAENAFVEDELFEQQ(MSE)KDKRDSDEV
T(MSE)D(MSE)IKEVQELLSRFGIPYITAP(MSE)EAEAQCAELLQLNLVDGIITDDSDVFLFGGTKIYKN(MSE)FHE
KNYVEFYDAESILKLLGLDRKN(MSE)IELAQLLGSDYTNGLKG(MSE)GPVSSIEVIAEFGNLKNFKDWYNNGQFDKRK
QETENKFEKDLRKKLVNNEIILDDDFPSV(MSE)VYDAY(MSE)RPEVDHDTTPFVWGVPDLD(MSE)LRSF(MSE)KTQ
LGWPHEKSDEILIPLIRDV
;
A,B
2 'polydeoxyribonucleotide' (DC)(DT)(DG)(DA)(DG)(DT)(DC)(DA)(DG)(DA)(DG)(DC)(DA)(DA)(DA) D
#
# COMPACT_ATOMS: atom_id res chain seq x y z
N GLY A 3 11.73 -9.77 -3.45
CA GLY A 3 12.65 -9.44 -2.38
C GLY A 3 12.61 -10.47 -1.27
N VAL A 4 13.39 -10.21 -0.21
CA VAL A 4 13.20 -10.95 1.04
C VAL A 4 11.69 -10.94 1.29
N HIS A 5 11.04 -12.11 1.29
CA HIS A 5 9.58 -12.17 1.35
C HIS A 5 9.07 -11.34 2.55
N SER A 6 8.23 -10.37 2.24
CA SER A 6 7.74 -9.45 3.22
C SER A 6 8.84 -8.59 3.88
N PHE A 7 9.99 -8.40 3.26
CA PHE A 7 10.92 -7.45 3.87
C PHE A 7 10.37 -6.02 3.77
N TRP A 8 9.54 -5.77 2.76
CA TRP A 8 8.97 -4.44 2.57
C TRP A 8 8.06 -4.09 3.75
N ASP A 9 7.43 -5.13 4.32
CA ASP A 9 6.69 -5.03 5.57
C ASP A 9 7.49 -4.46 6.72
N ILE A 10 8.75 -4.88 6.84
CA ILE A 10 9.63 -4.38 7.88
C ILE A 10 10.19 -2.99 7.55
N ALA A 11 10.78 -2.85 6.36
CA ALA A 11 11.34 -1.55 5.94
C ALA A 11 10.25 -0.49 5.93
N GLY A 12 9.02 -0.94 5.65
CA GLY A 12 7.76 -0.18 5.64
C GLY A 12 7.57 1.16 6.35
N PRO A 13 7.60 1.16 7.68
CA PRO A 13 7.49 2.37 8.53
C PRO A 13 8.50 3.48 8.24
N THR A 14 9.47 3.26 7.36
CA THR A 14 10.53 4.24 7.13
C THR A 14 10.37 4.92 5.78
N ALA A 15 9.44 4.41 4.97
CA ALA A 15 9.15 5.02 3.68
C ALA A 15 8.81 6.51 3.83
N ARG A 16 9.26 7.31 2.88
CA ARG A 16 8.86 8.69 2.83
C ARG A 16 8.35 9.00 1.46
N PRO A 17 7.10 9.50 1.37
CA PRO A 17 6.40 9.81 0.11
C PRO A 17 7.04 10.95 -0.67
N VAL A 18 7.25 10.71 -1.95
CA VAL A 18 7.88 11.69 -2.82
C VAL A 18 7.01 11.90 -4.06
N ARG A 19 6.70 13.16 -4.36
CA ARG A 19 5.90 13.47 -5.53
C ARG A 19 6.73 13.19 -6.76
N LEU A 20 6.10 12.67 -7.80
CA LEU A 20 6.85 12.30 -9.00
C LEU A 20 7.49 13.53 -9.65
N GLU A 21 6.85 14.69 -9.48
CA GLU A 21 7.39 15.94 -9.99
C GLU A 21 8.79 16.25 -9.46
N SER A 22 9.08 15.76 -8.26
CA SER A 22 10.34 16.05 -7.57
CA SER A 22 10.35 16.05 -7.57
C SER A 22 11.50 15.24 -8.13
N LEU A 23 11.17 14.23 -8.92
CA LEU A 23 12.15 13.33 -9.51
C LEU A 23 12.74 13.87 -10.80
N GLU A 24 12.20 14.99 -11.27
CA GLU A 24 12.65 15.59 -12.50
C GLU A 24 14.16 15.75 -12.49
N ASP A 25 14.77 15.28 -13.58
CA ASP A 25 16.22 15.32 -13.88
C ASP A 25 17.08 14.26 -13.18
N LYS A 26 16.47 13.30 -12.50
CA LYS A 26 17.24 12.33 -11.72
C LYS A 26 17.67 11.14 -12.56
N ARG A 27 18.95 10.76 -12.46
CA ARG A 27 19.48 9.55 -13.09
C ARG A 27 19.04 8.33 -12.28
N ALA A 29 18.56 4.07 -12.01
CA ALA A 29 18.73 2.72 -12.50
C ALA A 29 17.41 1.97 -12.45
N VAL A 30 17.13 1.22 -13.51
CA VAL A 30 15.88 0.49 -13.60
C VAL A 30 16.19 -0.92 -13.98
N ASP A 31 15.67 -1.88 -13.23
CA ASP A 31 15.89 -3.29 -13.51
C ASP A 31 14.95 -3.75 -14.64
N ALA A 32 15.51 -3.97 -15.82
CA ALA A 32 14.69 -4.26 -16.99
C ALA A 32 14.21 -5.71 -17.01
N SER A 33 15.10 -6.62 -16.63
CA SER A 33 14.81 -8.05 -16.62
C SER A 33 13.55 -8.38 -15.82
N ILE A 34 13.38 -7.70 -14.69
CA ILE A 34 12.19 -7.88 -13.89
C ILE A 34 10.95 -7.58 -14.72
N TRP A 35 11.00 -6.52 -15.54
CA TRP A 35 9.86 -6.14 -16.37
C TRP A 35 9.53 -7.19 -17.42
N ILE A 36 10.58 -7.70 -18.08
CA ILE A 36 10.44 -8.74 -19.09
C ILE A 36 9.79 -9.98 -18.49
N TYR A 37 10.15 -10.33 -17.26
CA TYR A 37 9.55 -11.45 -16.54
C TYR A 37 8.03 -11.24 -16.35
N GLN A 38 7.53 -10.05 -16.73
CA GLN A 38 6.09 -9.77 -16.87
C GLN A 38 5.78 -9.13 -18.25
N PHE A 39 5.59 -7.81 -18.25
CA PHE A 39 5.43 -7.01 -19.47
C PHE A 39 5.76 -5.52 -19.21
N SER A 54 2.24 -8.18 -26.03
CA SER A 54 1.97 -7.47 -24.77
C SER A 54 3.26 -6.87 -24.16
N HIS A 55 4.39 -7.55 -24.37
CA HIS A 55 5.69 -7.10 -23.86
C HIS A 55 6.18 -5.74 -24.38
N ILE A 56 5.61 -5.24 -25.46
CA ILE A 56 6.04 -3.94 -25.95
C ILE A 56 5.17 -2.85 -25.36
N THR A 57 3.92 -3.20 -25.08
CA THR A 57 2.95 -2.21 -24.61
C THR A 57 3.33 -1.67 -23.23
N GLY A 58 3.52 -2.58 -22.28
CA GLY A 58 3.88 -2.22 -20.92
C GLY A 58 5.15 -1.39 -20.80
N PHE A 59 6.20 -1.82 -21.51
CA PHE A 59 7.42 -1.08 -21.59
C PHE A 59 7.15 0.34 -22.05
N PHE A 60 6.37 0.45 -23.12
CA PHE A 60 6.06 1.75 -23.70
C PHE A 60 5.29 2.67 -22.75
N ARG A 61 4.35 2.13 -22.00
CA ARG A 61 3.55 2.96 -21.10
C ARG A 61 4.45 3.45 -19.98
N ARG A 62 5.09 2.49 -19.31
CA ARG A 62 6.04 2.77 -18.24
C ARG A 62 7.17 3.71 -18.67
N ILE A 63 7.74 3.48 -19.84
CA ILE A 63 8.77 4.38 -20.33
C ILE A 63 8.26 5.81 -20.42
N CYS A 64 7.03 5.95 -20.90
CA CYS A 64 6.40 7.25 -21.09
C CYS A 64 6.14 7.96 -19.77
N LYS A 65 5.59 7.23 -18.80
CA LYS A 65 5.43 7.77 -17.45
C LYS A 65 6.75 8.28 -16.92
N LEU A 66 7.80 7.49 -17.12
CA LEU A 66 9.13 7.89 -16.73
C LEU A 66 9.52 9.19 -17.38
N LEU A 67 9.43 9.26 -18.70
CA LEU A 67 9.93 10.42 -19.41
C LEU A 67 9.06 11.63 -19.16
N TYR A 68 7.74 11.41 -19.10
CA TYR A 68 6.77 12.43 -18.74
C TYR A 68 7.23 13.29 -17.57
N PHE A 69 7.82 12.66 -16.57
CA PHE A 69 8.20 13.37 -15.35
C PHE A 69 9.63 13.86 -15.35
N GLY A 70 10.33 13.60 -16.47
CA GLY A 70 11.69 14.08 -16.65
C GLY A 70 12.76 13.20 -16.03
N ILE A 71 12.46 11.92 -15.86
CA ILE A 71 13.44 11.00 -15.30
C ILE A 71 14.40 10.56 -16.41
N ARG A 72 15.68 10.45 -16.09
CA ARG A 72 16.66 9.92 -17.04
C ARG A 72 16.99 8.48 -16.64
N PRO A 73 16.34 7.50 -17.26
CA PRO A 73 16.57 6.13 -16.81
C PRO A 73 17.73 5.41 -17.47
N VAL A 74 18.33 4.49 -16.72
CA VAL A 74 19.26 3.50 -17.25
C VAL A 74 18.66 2.13 -17.03
N PHE A 75 18.36 1.42 -18.10
CA PHE A 75 17.82 0.07 -17.94
C PHE A 75 18.95 -0.93 -17.75
N VAL A 76 18.71 -1.91 -16.88
CA VAL A 76 19.71 -2.92 -16.58
C VAL A 76 19.13 -4.31 -16.82
N PHE A 77 19.89 -5.19 -17.45
CA PHE A 77 19.41 -6.54 -17.74
C PHE A 77 20.25 -7.58 -17.05
N ASP A 78 19.65 -8.75 -16.84
CA ASP A 78 20.36 -9.89 -16.26
C ASP A 78 21.36 -10.39 -17.28
N GLY A 79 22.52 -10.86 -16.84
CA GLY A 79 23.42 -11.60 -17.71
C GLY A 79 23.31 -13.10 -17.49
N GLY A 80 22.35 -13.52 -16.68
CA GLY A 80 22.16 -14.91 -16.34
C GLY A 80 21.68 -15.05 -14.91
N VAL A 81 21.04 -16.16 -14.60
CA VAL A 81 20.55 -16.40 -13.24
C VAL A 81 21.46 -17.36 -12.43
N PRO A 82 22.08 -16.84 -11.34
CA PRO A 82 23.02 -17.67 -10.57
C PRO A 82 22.34 -18.90 -9.96
N VAL A 83 23.13 -19.93 -9.71
CA VAL A 83 22.59 -21.25 -9.37
C VAL A 83 21.71 -21.20 -8.12
N LEU A 84 22.13 -20.42 -7.14
CA LEU A 84 21.36 -20.24 -5.92
C LEU A 84 19.93 -19.70 -6.17
N LYS A 85 19.78 -18.82 -7.15
CA LYS A 85 18.49 -18.22 -7.47
C LYS A 85 17.65 -19.18 -8.26
N ARG A 86 18.24 -19.93 -9.19
CA ARG A 86 17.48 -20.90 -9.95
C ARG A 86 16.78 -21.87 -9.01
N GLU A 87 17.54 -22.56 -8.16
CA GLU A 87 16.98 -23.57 -7.26
C GLU A 87 15.78 -23.00 -6.50
N THR A 88 15.99 -21.87 -5.83
CA THR A 88 14.97 -21.26 -4.98
C THR A 88 13.65 -20.89 -5.69
N ILE A 89 13.71 -20.39 -6.92
CA ILE A 89 12.49 -20.01 -7.63
C ILE A 89 11.72 -21.27 -8.03
N ARG A 90 12.44 -22.27 -8.56
CA ARG A 90 11.83 -23.54 -8.95
C ARG A 90 11.09 -24.17 -7.77
N GLN A 91 11.70 -24.12 -6.60
CA GLN A 91 11.11 -24.76 -5.46
C GLN A 91 9.82 -24.03 -5.03
N ARG A 92 9.83 -22.69 -5.12
CA ARG A 92 8.65 -21.89 -4.75
C ARG A 92 7.40 -22.30 -5.54
N LYS A 93 7.62 -22.80 -6.77
CA LYS A 93 6.57 -23.44 -7.56
C LYS A 93 6.41 -24.92 -7.17
N THR A 149 10.30 -15.53 -26.09
CA THR A 149 11.67 -15.67 -26.54
C THR A 149 12.55 -14.52 -26.04
N ASP A 151 13.88 -12.86 -27.95
CA ASP A 151 13.70 -11.94 -29.06
C ASP A 151 12.79 -10.82 -28.59
N ILE A 153 13.55 -9.38 -25.66
CA ILE A 153 14.58 -8.52 -25.09
C ILE A 153 15.15 -7.61 -26.18
N LYS A 154 15.12 -8.06 -27.43
CA LYS A 154 15.70 -7.30 -28.52
C LYS A 154 14.77 -6.15 -28.91
N GLU A 155 13.48 -6.47 -29.01
CA GLU A 155 12.46 -5.48 -29.40
C GLU A 155 12.29 -4.39 -28.35
N VAL A 156 12.79 -4.65 -27.16
CA VAL A 156 12.63 -3.72 -26.07
C VAL A 156 13.86 -2.82 -25.99
N GLN A 157 15.03 -3.36 -26.33
CA GLN A 157 16.22 -2.53 -26.40
C GLN A 157 16.19 -1.70 -27.66
N GLU A 158 15.38 -2.13 -28.61
CA GLU A 158 15.07 -1.33 -29.78
C GLU A 158 14.27 -0.11 -29.35
N LEU A 159 13.19 -0.37 -28.63
CA LEU A 159 12.31 0.68 -28.12
C LEU A 159 13.08 1.68 -27.27
N LEU A 160 13.97 1.19 -26.42
CA LEU A 160 14.76 2.03 -25.52
C LEU A 160 15.67 2.94 -26.29
N SER A 161 16.39 2.37 -27.26
CA SER A 161 17.35 3.12 -28.05
C SER A 161 16.66 4.21 -28.82
N ARG A 162 15.51 3.87 -29.41
CA ARG A 162 14.69 4.86 -30.12
C ARG A 162 14.13 5.92 -29.20
N PHE A 163 14.16 5.65 -27.90
CA PHE A 163 13.71 6.61 -26.88
C PHE A 163 14.88 7.43 -26.36
N GLY A 164 16.08 7.14 -26.84
CA GLY A 164 17.27 7.85 -26.41
C GLY A 164 17.84 7.35 -25.08
N ILE A 165 17.18 6.35 -24.51
CA ILE A 165 17.49 5.82 -23.19
C ILE A 165 18.53 4.69 -23.23
N PRO A 166 19.60 4.82 -22.43
CA PRO A 166 20.72 3.88 -22.39
C PRO A 166 20.42 2.62 -21.61
N TYR A 167 20.95 1.50 -22.06
CA TYR A 167 20.80 0.26 -21.33
C TYR A 167 22.10 -0.53 -21.32
N ILE A 168 22.35 -1.23 -20.23
CA ILE A 168 23.52 -2.10 -20.13
C ILE A 168 23.08 -3.48 -19.74
N THR A 169 23.87 -4.49 -20.09
CA THR A 169 23.63 -5.84 -19.60
C THR A 169 24.70 -6.16 -18.57
N ALA A 170 24.26 -6.54 -17.38
CA ALA A 170 25.17 -6.79 -16.26
C ALA A 170 25.80 -8.16 -16.42
N PRO A 171 26.89 -8.43 -15.67
CA PRO A 171 27.39 -9.80 -15.62
C PRO A 171 26.30 -10.78 -15.20
N GLU A 173 23.34 -10.28 -12.02
CA GLU A 173 22.04 -9.75 -11.61
C GLU A 173 21.89 -8.27 -11.86
N ALA A 174 20.75 -7.90 -12.41
CA ALA A 174 20.46 -6.50 -12.65
C ALA A 174 20.40 -5.74 -11.31
N GLU A 175 19.78 -6.33 -10.30
CA GLU A 175 19.67 -5.71 -8.97
C GLU A 175 21.02 -5.36 -8.37
N ALA A 176 21.90 -6.35 -8.34
CA ALA A 176 23.24 -6.14 -7.82
C ALA A 176 24.02 -5.10 -8.67
N GLN A 177 23.89 -5.19 -9.98
CA GLN A 177 24.53 -4.22 -10.87
C GLN A 177 23.99 -2.82 -10.62
N CYS A 178 22.66 -2.72 -10.52
CA CYS A 178 21.95 -1.47 -10.21
C CYS A 178 22.50 -0.80 -8.97
N ALA A 179 22.72 -1.60 -7.93
CA ALA A 179 23.31 -1.14 -6.67
C ALA A 179 24.71 -0.58 -6.89
N GLU A 180 25.47 -1.20 -7.80
CA GLU A 180 26.81 -0.74 -8.15
C GLU A 180 26.85 0.59 -8.92
N LEU A 181 25.87 0.82 -9.79
CA LEU A 181 25.71 2.12 -10.47
C LEU A 181 25.51 3.27 -9.49
N LEU A 182 24.80 2.99 -8.40
CA LEU A 182 24.48 4.01 -7.42
C LEU A 182 25.73 4.29 -6.58
N GLN A 183 26.44 3.22 -6.23
CA GLN A 183 27.70 3.27 -5.47
C GLN A 183 28.80 3.99 -6.23
N LEU A 184 28.62 4.11 -7.54
CA LEU A 184 29.63 4.73 -8.37
C LEU A 184 29.21 6.10 -8.91
N ASN A 185 28.05 6.57 -8.46
CA ASN A 185 27.49 7.85 -8.89
C ASN A 185 27.11 7.99 -10.36
N LEU A 186 26.88 6.86 -11.03
CA LEU A 186 26.39 6.88 -12.41
C LEU A 186 24.88 7.08 -12.44
N VAL A 187 24.21 6.70 -11.35
CA VAL A 187 22.79 7.01 -11.12
C VAL A 187 22.58 7.64 -9.75
N ASP A 188 21.43 8.29 -9.60
CA ASP A 188 21.04 8.93 -8.35
C ASP A 188 20.21 8.01 -7.46
N GLY A 189 19.37 7.19 -8.07
CA GLY A 189 18.56 6.28 -7.31
C GLY A 189 18.30 5.01 -8.07
N ILE A 190 17.62 4.09 -7.42
CA ILE A 190 17.21 2.85 -8.06
C ILE A 190 15.69 2.77 -8.06
N ILE A 191 15.08 2.58 -9.22
CA ILE A 191 13.65 2.34 -9.27
C ILE A 191 13.42 0.86 -9.26
N THR A 192 12.84 0.35 -8.19
CA THR A 192 12.62 -1.07 -8.09
C THR A 192 11.61 -1.40 -7.00
N ASP A 193 10.97 -2.56 -7.12
CA ASP A 193 10.08 -3.08 -6.09
C ASP A 193 10.60 -4.40 -5.60
N ASP A 194 11.90 -4.63 -5.76
CA ASP A 194 12.53 -5.86 -5.33
C ASP A 194 13.46 -5.55 -4.18
N SER A 195 13.07 -5.98 -2.98
CA SER A 195 13.71 -5.49 -1.76
C SER A 195 15.09 -6.13 -1.57
N ASP A 196 15.42 -7.10 -2.42
CA ASP A 196 16.73 -7.72 -2.45
C ASP A 196 17.79 -6.70 -2.82
N VAL A 197 17.36 -5.57 -3.36
CA VAL A 197 18.26 -4.49 -3.73
C VAL A 197 18.93 -3.90 -2.50
N PHE A 198 18.26 -3.94 -1.35
CA PHE A 198 18.90 -3.56 -0.10
C PHE A 198 20.02 -4.54 0.24
N LEU A 199 19.75 -5.82 0.03
CA LEU A 199 20.70 -6.87 0.36
C LEU A 199 22.03 -6.75 -0.42
N PHE A 200 21.92 -6.36 -1.69
CA PHE A 200 23.05 -6.10 -2.56
C PHE A 200 23.63 -4.72 -2.33
N GLY A 201 23.07 -4.02 -1.35
CA GLY A 201 23.66 -2.78 -0.89
C GLY A 201 23.13 -1.51 -1.54
N GLY A 202 22.04 -1.63 -2.30
CA GLY A 202 21.34 -0.48 -2.82
C GLY A 202 20.89 0.42 -1.68
N THR A 203 21.07 1.73 -1.84
CA THR A 203 20.75 2.64 -0.77
C THR A 203 19.78 3.80 -1.07
N LYS A 204 19.23 3.91 -2.28
CA LYS A 204 18.28 5.00 -2.52
C LYS A 204 17.13 4.57 -3.41
N ILE A 205 16.20 3.82 -2.83
CA ILE A 205 15.20 3.05 -3.57
C ILE A 205 13.85 3.77 -3.72
N TYR A 206 13.36 3.80 -4.95
CA TYR A 206 12.04 4.33 -5.22
C TYR A 206 11.04 3.21 -5.51
N LYS A 207 10.02 3.11 -4.66
CA LYS A 207 9.09 2.01 -4.73
C LYS A 207 7.69 2.45 -5.18
N ASN A 208 7.03 1.60 -5.99
CA ASN A 208 5.68 1.81 -6.54
C ASN A 208 5.59 2.88 -7.63
N PHE A 210 5.07 2.56 -10.68
CA PHE A 210 4.11 2.27 -11.73
C PHE A 210 2.82 1.77 -11.13
N HIS A 211 2.59 2.13 -9.87
CA HIS A 211 1.24 2.15 -9.35
C HIS A 211 0.58 3.39 -9.93
N GLU A 212 -0.75 3.44 -9.88
CA GLU A 212 -1.42 4.63 -10.40
C GLU A 212 -1.57 5.68 -9.31
N LYS A 213 -0.46 6.37 -9.04
CA LYS A 213 -0.38 7.41 -8.05
C LYS A 213 0.51 8.55 -8.53
N ASN A 214 0.55 9.65 -7.79
CA ASN A 214 1.33 10.82 -8.20
C ASN A 214 2.58 10.93 -7.35
N TYR A 215 2.74 9.95 -6.49
CA TYR A 215 3.84 9.94 -5.54
C TYR A 215 4.40 8.53 -5.50
N VAL A 216 5.61 8.44 -5.00
CA VAL A 216 6.31 7.18 -4.99
C VAL A 216 6.82 7.07 -3.57
N GLU A 217 7.17 5.87 -3.13
CA GLU A 217 7.76 5.74 -1.81
C GLU A 217 9.30 5.72 -1.84
N PHE A 218 9.93 6.63 -1.11
CA PHE A 218 11.38 6.67 -1.01
C PHE A 218 11.93 5.90 0.20
N TYR A 219 12.94 5.08 -0.05
CA TYR A 219 13.61 4.28 0.97
C TYR A 219 15.11 4.44 0.91
N ASP A 220 15.76 4.79 2.02
CA ASP A 220 17.23 4.67 2.02
C ASP A 220 17.79 3.86 3.19
N ALA A 221 18.98 3.32 2.99
CA ALA A 221 19.64 2.44 3.98
C ALA A 221 19.93 3.14 5.30
N GLU A 222 20.14 4.44 5.27
CA GLU A 222 20.39 5.18 6.49
C GLU A 222 19.17 5.29 7.38
N SER A 223 18.01 5.52 6.79
CA SER A 223 16.80 5.66 7.57
C SER A 223 16.46 4.33 8.20
N ILE A 224 16.59 3.27 7.41
CA ILE A 224 16.51 1.92 7.91
C ILE A 224 17.49 1.66 9.06
N LEU A 225 18.69 2.21 8.96
CA LEU A 225 19.68 2.06 10.03
C LEU A 225 19.27 2.80 11.31
N LYS A 226 19.02 4.10 11.18
CA LYS A 226 18.69 4.91 12.34
C LYS A 226 17.38 4.48 12.98
N LEU A 227 16.35 4.25 12.17
CA LEU A 227 15.02 4.01 12.70
C LEU A 227 14.76 2.58 13.09
N LEU A 228 15.39 1.62 12.42
CA LEU A 228 15.07 0.22 12.66
C LEU A 228 16.20 -0.55 13.30
N GLY A 229 17.41 0.00 13.18
CA GLY A 229 18.61 -0.60 13.75
C GLY A 229 19.09 -1.77 12.93
N LEU A 230 18.86 -1.72 11.62
CA LEU A 230 19.22 -2.82 10.76
C LEU A 230 20.26 -2.43 9.73
N ASP A 231 21.45 -3.00 9.83
CA ASP A 231 22.49 -2.73 8.83
C ASP A 231 22.39 -3.76 7.68
N ARG A 232 23.38 -3.79 6.81
CA ARG A 232 23.24 -4.65 5.63
C ARG A 232 23.32 -6.13 6.00
N LYS A 233 24.16 -6.45 6.97
CA LYS A 233 24.29 -7.82 7.46
C LYS A 233 23.00 -8.28 8.12
N ASN A 234 22.36 -7.41 8.88
CA ASN A 234 21.07 -7.73 9.48
C ASN A 234 19.98 -8.08 8.49
N ILE A 236 20.41 -9.34 5.41
CA ILE A 236 20.75 -10.63 4.81
C ILE A 236 20.34 -11.79 5.74
N GLU A 237 20.39 -11.55 7.04
CA GLU A 237 19.95 -12.55 8.00
C GLU A 237 18.42 -12.54 8.19
N LEU A 238 17.81 -11.38 7.97
CA LEU A 238 16.35 -11.26 7.86
C LEU A 238 15.80 -12.09 6.71
N ALA A 239 16.52 -12.09 5.59
CA ALA A 239 16.15 -12.90 4.44
C ALA A 239 16.18 -14.39 4.72
N GLN A 240 17.00 -14.81 5.68
CA GLN A 240 17.17 -16.24 5.93
C GLN A 240 16.10 -16.70 6.90
N LEU A 241 15.37 -15.75 7.45
CA LEU A 241 14.15 -16.03 8.18
C LEU A 241 12.97 -15.92 7.21
N LEU A 242 12.78 -14.73 6.65
CA LEU A 242 11.65 -14.43 5.78
C LEU A 242 11.61 -15.21 4.46
N GLY A 243 12.73 -15.29 3.77
CA GLY A 243 12.78 -15.95 2.46
C GLY A 243 13.23 -14.91 1.47
N SER A 244 13.73 -15.34 0.31
CA SER A 244 14.11 -14.41 -0.76
C SER A 244 14.48 -15.13 -2.07
N ASP A 245 15.11 -14.38 -2.96
CA ASP A 245 15.53 -14.91 -4.25
C ASP A 245 16.61 -15.98 -4.08
N TYR A 246 17.16 -16.07 -2.86
CA TYR A 246 18.28 -16.98 -2.60
C TYR A 246 17.99 -18.08 -1.57
N THR A 247 17.02 -17.84 -0.69
CA THR A 247 16.76 -18.74 0.43
C THR A 247 15.27 -18.77 0.72
N ASN A 248 14.76 -19.94 1.12
CA ASN A 248 13.35 -20.11 1.41
C ASN A 248 12.93 -19.58 2.78
N GLY A 249 13.90 -19.30 3.64
CA GLY A 249 13.63 -18.82 4.98
C GLY A 249 13.21 -19.97 5.86
N LEU A 250 12.60 -19.69 7.00
CA LEU A 250 12.14 -20.76 7.86
C LEU A 250 10.61 -20.91 7.85
N LYS A 251 10.16 -22.16 7.81
CA LYS A 251 8.74 -22.48 7.80
C LYS A 251 8.06 -22.00 9.09
N GLY A 252 7.20 -21.00 8.98
CA GLY A 252 6.53 -20.44 10.15
C GLY A 252 6.97 -19.03 10.47
N GLY A 254 7.56 -15.07 9.65
CA GLY A 254 7.13 -13.92 8.87
C GLY A 254 7.72 -12.62 9.40
N PRO A 255 7.23 -11.48 8.91
CA PRO A 255 7.82 -10.17 9.22
C PRO A 255 8.02 -9.89 10.72
N VAL A 256 7.07 -10.34 11.53
CA VAL A 256 7.00 -9.90 12.91
C VAL A 256 7.76 -10.84 13.80
N SER A 257 7.62 -12.14 13.56
CA SER A 257 8.45 -13.11 14.24
C SER A 257 9.92 -12.88 13.91
N SER A 258 10.18 -12.51 12.66
CA SER A 258 11.55 -12.36 12.18
C SER A 258 12.26 -11.13 12.71
N ILE A 259 11.55 -10.01 12.78
CA ILE A 259 12.14 -8.79 13.27
C ILE A 259 12.38 -8.96 14.77
N GLU A 260 11.48 -9.69 15.44
CA GLU A 260 11.57 -9.86 16.88
C GLU A 260 12.66 -10.83 17.26
N VAL A 261 12.90 -11.81 16.40
CA VAL A 261 14.04 -12.70 16.59
C VAL A 261 15.35 -11.92 16.50
N ILE A 262 15.47 -11.00 15.53
CA ILE A 262 16.65 -10.16 15.46
C ILE A 262 16.73 -9.23 16.68
N ALA A 263 15.60 -8.70 17.13
CA ALA A 263 15.61 -7.77 18.27
C ALA A 263 16.03 -8.46 19.57
N GLU A 264 15.66 -9.73 19.71
CA GLU A 264 15.97 -10.47 20.92
C GLU A 264 17.40 -10.99 20.92
N PHE A 265 17.83 -11.60 19.82
CA PHE A 265 19.12 -12.29 19.76
C PHE A 265 20.21 -11.55 18.97
N GLY A 266 19.89 -10.38 18.44
CA GLY A 266 20.88 -9.61 17.70
C GLY A 266 21.27 -10.22 16.37
N ASN A 267 21.55 -11.52 16.36
CA ASN A 267 21.94 -12.17 15.12
C ASN A 267 21.59 -13.66 15.10
N LEU A 268 21.74 -14.28 13.94
CA LEU A 268 21.27 -15.65 13.75
C LEU A 268 22.11 -16.73 14.45
N LYS A 269 23.37 -16.46 14.78
CA LYS A 269 24.13 -17.46 15.47
C LYS A 269 23.63 -17.55 16.90
N ASN A 270 23.31 -16.42 17.49
CA ASN A 270 22.78 -16.41 18.85
C ASN A 270 21.38 -17.00 18.94
N PHE A 271 20.68 -16.99 17.80
CA PHE A 271 19.33 -17.53 17.65
C PHE A 271 19.38 -19.04 17.52
N LYS A 272 20.27 -19.53 16.67
CA LYS A 272 20.48 -20.97 16.61
C LYS A 272 20.93 -21.50 17.96
N ASP A 273 21.89 -20.82 18.57
CA ASP A 273 22.43 -21.28 19.85
C ASP A 273 21.33 -21.36 20.91
N TRP A 274 20.54 -20.29 21.05
CA TRP A 274 19.42 -20.31 21.97
C TRP A 274 18.50 -21.50 21.75
N TYR A 275 18.24 -21.83 20.48
CA TYR A 275 17.31 -22.90 20.12
C TYR A 275 17.90 -24.30 20.33
N ASN A 276 19.15 -24.52 19.98
CA ASN A 276 19.78 -25.82 20.24
C ASN A 276 20.12 -26.08 21.72
N ASN A 277 20.52 -25.04 22.45
CA ASN A 277 20.88 -25.20 23.86
C ASN A 277 19.72 -25.54 24.75
N GLY A 278 18.51 -25.15 24.34
CA GLY A 278 17.35 -25.38 25.17
C GLY A 278 16.48 -26.49 24.63
N GLN A 279 16.88 -27.06 23.50
CA GLN A 279 15.96 -27.92 22.76
C GLN A 279 15.59 -29.17 23.54
N PHE A 280 16.51 -29.63 24.38
CA PHE A 280 16.26 -30.84 25.14
C PHE A 280 16.56 -30.66 26.64
N ASP A 281 17.17 -29.52 27.00
CA ASP A 281 17.36 -29.15 28.40
C ASP A 281 16.00 -28.77 28.99
N LYS A 282 15.46 -29.72 29.75
CA LYS A 282 14.09 -29.69 30.27
C LYS A 282 13.70 -28.40 30.99
N ARG A 283 14.68 -27.77 31.63
CA ARG A 283 14.40 -26.70 32.58
C ARG A 283 14.24 -25.33 31.94
N LYS A 284 15.20 -24.95 31.10
CA LYS A 284 15.25 -23.61 30.51
C LYS A 284 13.96 -23.29 29.74
N GLN A 285 13.37 -24.34 29.15
CA GLN A 285 12.12 -24.21 28.39
C GLN A 285 10.95 -23.78 29.27
N GLU A 286 11.02 -24.08 30.56
CA GLU A 286 9.93 -23.73 31.46
C GLU A 286 10.20 -22.39 32.15
N THR A 287 11.42 -21.89 31.99
CA THR A 287 11.82 -20.64 32.61
C THR A 287 12.10 -19.54 31.58
N GLU A 288 11.64 -19.79 30.36
CA GLU A 288 11.76 -18.85 29.24
C GLU A 288 10.66 -17.79 29.25
N ASN A 289 10.97 -16.63 28.69
CA ASN A 289 9.97 -15.59 28.43
C ASN A 289 8.84 -16.15 27.61
N LYS A 290 7.73 -15.42 27.56
CA LYS A 290 6.62 -15.86 26.74
C LYS A 290 6.97 -15.82 25.26
N PHE A 291 7.71 -14.79 24.83
CA PHE A 291 8.01 -14.66 23.40
C PHE A 291 8.85 -15.84 22.92
N GLU A 292 9.82 -16.24 23.75
CA GLU A 292 10.63 -17.42 23.51
C GLU A 292 9.77 -18.69 23.49
N LYS A 293 8.91 -18.83 24.49
CA LYS A 293 8.12 -20.07 24.64
C LYS A 293 7.24 -20.29 23.40
N ASP A 294 6.65 -19.22 22.89
CA ASP A 294 5.88 -19.29 21.67
C ASP A 294 6.74 -19.54 20.44
N LEU A 295 7.95 -18.99 20.44
CA LEU A 295 8.87 -19.17 19.31
C LEU A 295 9.37 -20.60 19.20
N ARG A 296 9.69 -21.19 20.35
CA ARG A 296 10.23 -22.56 20.36
C ARG A 296 9.18 -23.48 19.80
N LYS A 297 7.94 -23.24 20.22
CA LYS A 297 6.75 -23.99 19.83
C LYS A 297 6.56 -24.04 18.30
N LYS A 298 6.68 -22.87 17.68
CA LYS A 298 6.51 -22.71 16.25
C LYS A 298 7.62 -23.40 15.42
N LEU A 299 8.87 -23.32 15.89
CA LEU A 299 9.97 -23.99 15.23
C LEU A 299 9.88 -25.50 15.35
N VAL A 300 9.45 -25.98 16.51
CA VAL A 300 9.29 -27.41 16.72
C VAL A 300 8.06 -27.96 15.95
N ASN A 301 6.93 -27.25 15.99
CA ASN A 301 5.78 -27.60 15.17
C ASN A 301 6.21 -27.84 13.72
N ASN A 302 7.06 -26.94 13.21
CA ASN A 302 7.61 -27.02 11.84
C ASN A 302 8.87 -27.86 11.68
N GLU A 303 9.35 -28.43 12.80
CA GLU A 303 10.44 -29.41 12.81
C GLU A 303 11.74 -28.91 12.22
N ILE A 304 12.06 -27.67 12.55
CA ILE A 304 13.18 -27.00 11.95
C ILE A 304 14.50 -27.44 12.56
N ILE A 305 15.47 -27.76 11.71
CA ILE A 305 16.81 -28.12 12.16
C ILE A 305 17.82 -27.00 11.88
N LEU A 306 18.26 -26.33 12.95
CA LEU A 306 19.28 -25.29 12.80
C LEU A 306 20.68 -25.92 12.91
N ASP A 307 21.33 -26.01 11.76
CA ASP A 307 22.61 -26.72 11.57
C ASP A 307 23.82 -25.81 11.59
N ASP A 308 24.95 -26.39 11.22
CA ASP A 308 26.17 -25.64 11.01
C ASP A 308 26.07 -24.96 9.65
N ASP A 309 25.02 -25.29 8.91
CA ASP A 309 24.72 -24.60 7.65
C ASP A 309 23.90 -23.32 7.90
N PHE A 310 23.53 -23.06 9.15
CA PHE A 310 22.71 -21.91 9.49
C PHE A 310 23.43 -20.97 10.47
N PRO A 311 23.66 -19.72 10.07
CA PRO A 311 23.29 -19.09 8.80
C PRO A 311 24.18 -19.51 7.65
N SER A 312 23.61 -19.46 6.46
CA SER A 312 24.29 -19.89 5.25
C SER A 312 25.39 -18.90 4.88
N VAL A 313 26.60 -19.42 4.69
CA VAL A 313 27.73 -18.58 4.35
C VAL A 313 27.68 -18.25 2.87
N VAL A 315 24.82 -17.92 0.93
CA VAL A 315 23.83 -16.85 0.86
C VAL A 315 24.43 -15.49 1.27
N TYR A 316 25.18 -15.48 2.34
CA TYR A 316 25.84 -14.25 2.74
C TYR A 316 26.75 -13.77 1.61
N ASP A 317 27.46 -14.70 0.98
CA ASP A 317 28.45 -14.39 -0.05
C ASP A 317 27.82 -13.91 -1.33
N ALA A 318 26.71 -14.52 -1.71
CA ALA A 318 26.02 -14.09 -2.92
C ALA A 318 25.52 -12.63 -2.81
N TYR A 319 25.11 -12.21 -1.62
CA TYR A 319 24.59 -10.86 -1.41
C TYR A 319 25.69 -9.83 -1.18
N ARG A 321 29.13 -10.08 -1.91
CA ARG A 321 30.02 -9.91 -3.06
C ARG A 321 29.42 -10.58 -4.29
N PRO A 322 28.45 -9.91 -4.92
CA PRO A 322 27.88 -10.42 -6.17
C PRO A 322 28.74 -9.97 -7.34
N GLU A 323 28.56 -10.63 -8.48
CA GLU A 323 29.36 -10.33 -9.66
C GLU A 323 28.85 -9.08 -10.34
N VAL A 324 29.74 -8.12 -10.53
CA VAL A 324 29.37 -6.75 -10.81
C VAL A 324 30.43 -6.05 -11.67
N ASP A 325 29.99 -5.06 -12.44
CA ASP A 325 30.76 -4.44 -13.51
C ASP A 325 31.22 -3.05 -13.10
N HIS A 326 32.45 -2.96 -12.58
CA HIS A 326 32.95 -1.71 -11.97
C HIS A 326 33.21 -0.59 -12.97
N ASP A 327 32.71 -0.74 -14.19
CA ASP A 327 32.84 0.29 -15.21
C ASP A 327 32.40 1.64 -14.66
N THR A 328 33.25 2.65 -14.84
CA THR A 328 33.01 3.96 -14.26
C THR A 328 32.67 5.03 -15.31
N THR A 329 32.34 4.59 -16.52
CA THR A 329 32.00 5.50 -17.63
C THR A 329 30.56 6.02 -17.56
N PRO A 330 30.39 7.32 -17.26
CA PRO A 330 29.10 8.03 -17.15
C PRO A 330 28.15 7.70 -18.29
N PHE A 331 26.84 7.69 -18.03
CA PHE A 331 25.88 7.37 -19.08
C PHE A 331 25.54 8.61 -19.89
N VAL A 332 24.97 8.38 -21.06
CA VAL A 332 24.62 9.44 -21.97
C VAL A 332 23.18 9.27 -22.37
N TRP A 333 22.41 10.34 -22.28
CA TRP A 333 21.00 10.30 -22.63
C TRP A 333 20.68 11.13 -23.87
N GLY A 334 19.99 10.53 -24.82
CA GLY A 334 19.55 11.29 -25.99
C GLY A 334 18.06 11.57 -26.02
N VAL A 335 17.67 12.63 -26.73
CA VAL A 335 16.26 12.92 -26.96
C VAL A 335 15.66 11.76 -27.74
N PRO A 336 14.36 11.52 -27.60
CA PRO A 336 13.85 10.40 -28.40
C PRO A 336 13.81 10.76 -29.88
N ASP A 337 13.20 9.87 -30.67
CA ASP A 337 13.02 10.09 -32.11
C ASP A 337 11.60 9.79 -32.48
N LEU A 338 10.89 10.86 -32.85
CA LEU A 338 9.43 10.86 -32.96
C LEU A 338 8.93 10.01 -34.12
N ASP A 339 9.82 9.74 -35.06
CA ASP A 339 9.44 9.00 -36.26
C ASP A 339 9.84 7.53 -36.16
N LEU A 341 9.87 5.91 -33.51
CA LEU A 341 8.90 5.31 -32.61
C LEU A 341 7.56 5.06 -33.30
N ARG A 342 7.05 6.07 -34.00
CA ARG A 342 5.78 5.95 -34.76
C ARG A 342 5.82 4.80 -35.75
N SER A 343 6.93 4.72 -36.50
CA SER A 343 7.22 3.58 -37.37
C SER A 343 7.18 2.28 -36.57
N PHE A 344 7.98 2.24 -35.51
CA PHE A 344 8.13 1.06 -34.66
C PHE A 344 6.80 0.44 -34.26
N LYS A 346 3.81 0.91 -35.39
CA LYS A 346 3.07 0.45 -36.57
C LYS A 346 3.59 -0.91 -36.99
N THR A 347 4.90 -1.02 -37.15
CA THR A 347 5.56 -2.26 -37.59
C THR A 347 5.14 -3.49 -36.77
N GLN A 348 4.93 -3.29 -35.47
CA GLN A 348 4.77 -4.40 -34.54
C GLN A 348 3.35 -4.50 -33.93
N LEU A 349 2.83 -3.38 -33.45
CA LEU A 349 1.59 -3.41 -32.66
C LEU A 349 0.36 -2.95 -33.45
N GLY A 350 0.49 -2.84 -34.77
CA GLY A 350 -0.59 -2.38 -35.63
C GLY A 350 -1.11 -1.01 -35.24
N TRP A 351 -0.19 -0.11 -34.93
CA TRP A 351 -0.54 1.26 -34.52
C TRP A 351 -0.54 2.24 -35.69
N PRO A 352 -1.37 3.29 -35.61
CA PRO A 352 -1.29 4.41 -36.55
C PRO A 352 -0.25 5.44 -36.11
N HIS A 353 -0.01 6.44 -36.96
CA HIS A 353 0.90 7.51 -36.58
C HIS A 353 0.12 8.57 -35.81
N GLU A 354 -1.20 8.42 -35.77
CA GLU A 354 -2.04 9.33 -35.01
C GLU A 354 -1.90 9.04 -33.51
N LYS A 355 -2.18 7.79 -33.15
CA LYS A 355 -2.10 7.30 -31.78
C LYS A 355 -0.71 7.52 -31.19
N SER A 356 0.30 7.07 -31.90
CA SER A 356 1.68 7.23 -31.47
C SER A 356 1.99 8.70 -31.15
N ASP A 357 1.74 9.58 -32.12
CA ASP A 357 2.10 11.00 -31.98
C ASP A 357 1.40 11.71 -30.81
N GLU A 358 0.14 11.37 -30.54
CA GLU A 358 -0.66 12.06 -29.52
C GLU A 358 -0.08 11.95 -28.12
N ILE A 359 0.44 10.77 -27.78
CA ILE A 359 1.08 10.50 -26.49
C ILE A 359 2.47 11.10 -26.42
N LEU A 360 3.28 10.78 -27.42
CA LEU A 360 4.70 11.15 -27.44
C LEU A 360 4.95 12.67 -27.54
N ILE A 361 4.40 13.27 -28.59
CA ILE A 361 4.66 14.67 -28.96
C ILE A 361 4.64 15.66 -27.79
N PRO A 362 3.67 15.51 -26.85
CA PRO A 362 3.80 16.31 -25.64
C PRO A 362 5.21 16.23 -25.03
N LEU A 363 5.66 15.04 -24.68
CA LEU A 363 7.00 14.84 -24.11
C LEU A 363 8.11 15.13 -25.11
N SER B 1 -11.85 -1.63 5.73
CA SER B 1 -12.34 -0.60 4.83
C SER B 1 -13.86 -0.66 4.63
N GLY B 3 -17.35 -0.43 2.29
CA GLY B 3 -17.81 0.62 1.40
C GLY B 3 -17.85 0.18 -0.06
N VAL B 4 -17.91 1.15 -0.95
CA VAL B 4 -18.17 0.91 -2.37
C VAL B 4 -17.14 -0.02 -3.00
N HIS B 5 -17.55 -1.25 -3.28
CA HIS B 5 -16.67 -2.30 -3.81
C HIS B 5 -15.76 -1.73 -4.89
N SER B 6 -14.45 -1.82 -4.66
CA SER B 6 -13.43 -1.36 -5.60
C SER B 6 -13.50 0.15 -5.98
N PHE B 7 -14.23 0.97 -5.24
CA PHE B 7 -14.22 2.41 -5.52
C PHE B 7 -12.85 3.07 -5.24
N TRP B 8 -12.11 2.55 -4.26
CA TRP B 8 -10.78 3.07 -3.97
C TRP B 8 -9.80 2.94 -5.13
N ASP B 9 -10.02 1.97 -6.02
CA ASP B 9 -9.27 1.91 -7.30
C ASP B 9 -9.58 3.08 -8.22
N ILE B 10 -10.79 3.61 -8.09
CA ILE B 10 -11.22 4.71 -8.94
C ILE B 10 -10.62 6.02 -8.45
N ALA B 11 -10.76 6.29 -7.16
CA ALA B 11 -10.32 7.55 -6.56
C ALA B 11 -8.82 7.56 -6.35
N GLY B 12 -8.26 6.36 -6.25
CA GLY B 12 -6.84 6.13 -6.09
C GLY B 12 -5.89 7.13 -6.72
N PRO B 13 -5.95 7.30 -8.04
CA PRO B 13 -4.98 8.21 -8.68
C PRO B 13 -5.01 9.67 -8.21
N THR B 14 -6.02 10.09 -7.45
CA THR B 14 -6.13 11.49 -7.01
C THR B 14 -5.57 11.69 -5.60
N ALA B 15 -5.09 10.61 -5.00
CA ALA B 15 -4.44 10.64 -3.69
C ALA B 15 -3.25 11.60 -3.64
N ARG B 16 -3.14 12.30 -2.53
CA ARG B 16 -2.00 13.14 -2.28
C ARG B 16 -1.40 12.74 -0.92
N PRO B 17 -0.06 12.60 -0.87
CA PRO B 17 0.69 12.17 0.31
C PRO B 17 0.90 13.26 1.38
N VAL B 18 0.77 12.85 2.64
CA VAL B 18 0.77 13.75 3.78
C VAL B 18 1.48 13.08 4.95
N ARG B 19 2.58 13.67 5.39
CA ARG B 19 3.34 13.10 6.49
C ARG B 19 2.63 13.44 7.78
N LEU B 20 2.55 12.49 8.71
CA LEU B 20 1.77 12.67 9.93
C LEU B 20 2.27 13.80 10.82
N GLU B 21 3.39 14.40 10.47
CA GLU B 21 3.91 15.50 11.27
C GLU B 21 3.13 16.81 11.08
N SER B 22 2.35 16.91 10.01
CA SER B 22 1.60 18.15 9.74
C SER B 22 0.17 18.08 10.24
N LEU B 23 -0.20 16.92 10.77
CA LEU B 23 -1.54 16.71 11.27
C LEU B 23 -1.67 17.18 12.70
N GLU B 24 -0.64 17.86 13.18
CA GLU B 24 -0.60 18.20 14.59
C GLU B 24 -1.72 19.18 14.88
N ASP B 25 -2.40 18.95 16.00
CA ASP B 25 -3.50 19.78 16.48
C ASP B 25 -4.76 19.74 15.62
N LYS B 26 -4.79 18.86 14.62
CA LYS B 26 -5.94 18.81 13.74
C LYS B 26 -6.99 17.93 14.38
N ARG B 27 -8.21 18.47 14.47
CA ARG B 27 -9.36 17.71 14.96
C ARG B 27 -9.82 16.77 13.88
N ALA B 29 -12.39 13.39 12.88
CA ALA B 29 -13.49 12.48 13.13
C ALA B 29 -13.05 11.06 12.85
N VAL B 30 -13.51 10.11 13.65
CA VAL B 30 -13.09 8.74 13.48
C VAL B 30 -14.28 7.83 13.64
N ASP B 31 -14.47 6.91 12.70
CA ASP B 31 -15.54 5.94 12.87
C ASP B 31 -15.10 4.84 13.83
N ALA B 32 -15.33 5.09 15.11
CA ALA B 32 -15.15 4.09 16.14
C ALA B 32 -15.82 2.75 15.80
N SER B 33 -16.96 2.80 15.12
CA SER B 33 -17.80 1.61 14.94
C SER B 33 -17.16 0.56 14.05
N ILE B 34 -16.26 0.95 13.17
CA ILE B 34 -15.56 0.00 12.31
C ILE B 34 -14.52 -0.86 13.08
N TRP B 35 -13.83 -0.24 14.03
CA TRP B 35 -12.82 -0.90 14.85
C TRP B 35 -13.37 -2.09 15.65
N SER B 54 -8.47 -8.29 23.46
CA SER B 54 -8.43 -8.27 22.00
C SER B 54 -9.08 -7.01 21.44
N HIS B 55 -10.19 -6.61 22.07
CA HIS B 55 -10.91 -5.40 21.67
C HIS B 55 -10.15 -4.19 22.16
N ILE B 56 -9.38 -4.40 23.21
CA ILE B 56 -8.77 -3.32 23.97
C ILE B 56 -7.36 -3.00 23.45
N THR B 57 -6.61 -4.05 23.09
CA THR B 57 -5.22 -3.87 22.73
C THR B 57 -5.08 -3.12 21.39
N GLY B 58 -6.03 -3.37 20.49
CA GLY B 58 -6.05 -2.71 19.20
C GLY B 58 -6.48 -1.26 19.31
N PHE B 59 -7.52 -1.03 20.10
CA PHE B 59 -8.03 0.31 20.33
C PHE B 59 -6.96 1.18 20.93
N PHE B 60 -6.38 0.70 22.03
CA PHE B 60 -5.28 1.37 22.68
C PHE B 60 -4.12 1.66 21.72
N ARG B 61 -3.78 0.67 20.89
CA ARG B 61 -2.60 0.82 20.04
C ARG B 61 -2.83 1.89 18.99
N ARG B 62 -4.06 2.00 18.48
CA ARG B 62 -4.39 3.03 17.51
C ARG B 62 -4.54 4.39 18.16
N ILE B 63 -5.07 4.41 19.36
CA ILE B 63 -5.29 5.67 20.06
C ILE B 63 -3.96 6.35 20.33
N CYS B 64 -2.96 5.56 20.71
CA CYS B 64 -1.65 6.09 21.04
C CYS B 64 -0.96 6.62 19.79
N LYS B 65 -1.16 5.92 18.68
CA LYS B 65 -0.63 6.43 17.42
C LYS B 65 -1.21 7.82 17.10
N LEU B 66 -2.52 7.99 17.31
CA LEU B 66 -3.16 9.27 17.05
C LEU B 66 -2.60 10.33 17.97
N LEU B 67 -2.38 9.97 19.22
CA LEU B 67 -1.95 10.94 20.22
C LEU B 67 -0.42 11.19 20.16
N TYR B 68 0.33 10.20 19.70
CA TYR B 68 1.75 10.40 19.46
C TYR B 68 1.98 11.56 18.49
N PHE B 69 1.05 11.76 17.56
CA PHE B 69 1.23 12.82 16.56
C PHE B 69 0.46 14.07 16.86
N GLY B 70 -0.07 14.17 18.08
CA GLY B 70 -0.80 15.34 18.52
C GLY B 70 -2.14 15.58 17.84
N ILE B 71 -2.85 14.52 17.49
CA ILE B 71 -4.14 14.63 16.83
C ILE B 71 -5.26 14.54 17.85
N ARG B 72 -6.24 15.44 17.70
CA ARG B 72 -7.38 15.48 18.60
C ARG B 72 -8.56 14.73 17.99
N PRO B 73 -8.67 13.44 18.30
CA PRO B 73 -9.69 12.67 17.61
C PRO B 73 -11.06 12.91 18.23
N VAL B 74 -12.14 12.64 17.50
CA VAL B 74 -13.46 12.54 18.11
C VAL B 74 -14.12 11.31 17.52
N PHE B 75 -14.57 10.42 18.39
CA PHE B 75 -15.02 9.11 17.94
C PHE B 75 -16.54 9.06 17.74
N VAL B 76 -16.95 8.37 16.69
CA VAL B 76 -18.35 8.33 16.31
C VAL B 76 -18.83 6.89 16.19
N PHE B 77 -19.80 6.51 17.02
CA PHE B 77 -20.37 5.17 16.95
C PHE B 77 -21.67 5.16 16.18
N ASP B 78 -22.10 3.98 15.74
CA ASP B 78 -23.41 3.81 15.13
C ASP B 78 -24.54 4.00 16.13
N GLY B 79 -25.67 4.50 15.64
CA GLY B 79 -26.86 4.62 16.46
C GLY B 79 -27.81 3.51 16.07
N GLY B 80 -27.53 2.89 14.95
CA GLY B 80 -28.38 1.85 14.41
C GLY B 80 -27.90 1.45 13.03
N VAL B 81 -28.55 0.45 12.44
CA VAL B 81 -28.13 -0.04 11.13
C VAL B 81 -29.33 -0.25 10.23
N PRO B 82 -29.58 0.71 9.31
CA PRO B 82 -30.75 0.80 8.42
C PRO B 82 -31.19 -0.57 7.88
N VAL B 83 -32.49 -0.70 7.60
CA VAL B 83 -33.02 -1.98 7.16
C VAL B 83 -32.47 -2.30 5.78
N LEU B 84 -32.00 -1.28 5.08
CA LEU B 84 -31.34 -1.48 3.79
C LEU B 84 -29.90 -2.03 3.96
N LYS B 85 -29.11 -1.47 4.88
CA LYS B 85 -27.76 -1.98 5.18
C LYS B 85 -27.77 -3.43 5.73
N ARG B 86 -28.81 -3.74 6.52
CA ARG B 86 -28.98 -5.10 6.99
C ARG B 86 -29.14 -6.02 5.79
N GLU B 87 -29.89 -5.56 4.79
CA GLU B 87 -30.27 -6.41 3.65
C GLU B 87 -29.08 -7.01 2.90
N THR B 88 -27.94 -6.32 2.89
CA THR B 88 -26.76 -6.84 2.20
C THR B 88 -25.75 -7.47 3.16
N THR B 149 -20.65 -8.24 20.34
CA THR B 149 -21.37 -7.94 21.57
C THR B 149 -21.31 -6.44 21.90
N ASP B 151 -20.94 -5.53 24.90
CA ASP B 151 -20.01 -5.49 26.02
C ASP B 151 -18.70 -4.84 25.60
N ILE B 153 -18.43 -2.37 23.16
CA ILE B 153 -18.73 -0.94 22.99
C ILE B 153 -18.58 -0.17 24.30
N LYS B 154 -19.09 -0.77 25.37
CA LYS B 154 -19.01 -0.16 26.68
C LYS B 154 -17.56 0.08 27.10
N GLU B 155 -16.71 -0.91 26.83
CA GLU B 155 -15.31 -0.88 27.29
C GLU B 155 -14.48 0.15 26.54
N VAL B 156 -14.60 0.20 25.21
CA VAL B 156 -13.81 1.14 24.43
C VAL B 156 -14.35 2.57 24.62
N GLN B 157 -15.54 2.69 25.16
CA GLN B 157 -15.99 4.03 25.53
C GLN B 157 -15.37 4.36 26.88
N GLU B 158 -15.18 3.34 27.70
CA GLU B 158 -14.54 3.51 28.99
C GLU B 158 -13.08 3.94 28.82
N LEU B 159 -12.40 3.33 27.84
CA LEU B 159 -11.02 3.68 27.50
C LEU B 159 -10.89 5.15 27.03
N LEU B 160 -11.68 5.51 26.02
CA LEU B 160 -11.69 6.85 25.44
C LEU B 160 -11.87 8.01 26.43
N SER B 161 -12.79 7.83 27.38
CA SER B 161 -13.01 8.85 28.39
C SER B 161 -11.87 8.83 29.40
N ARG B 162 -11.36 7.62 29.70
CA ARG B 162 -10.17 7.53 30.54
C ARG B 162 -9.01 8.24 29.83
N PHE B 163 -9.13 8.40 28.52
CA PHE B 163 -8.11 9.08 27.70
C PHE B 163 -8.37 10.56 27.50
N GLY B 164 -9.56 11.02 27.90
CA GLY B 164 -9.96 12.38 27.67
C GLY B 164 -10.31 12.66 26.22
N ILE B 165 -10.78 11.62 25.52
CA ILE B 165 -11.15 11.75 24.12
C ILE B 165 -12.69 11.73 23.91
N PRO B 166 -13.24 12.83 23.37
CA PRO B 166 -14.67 12.96 23.13
C PRO B 166 -15.19 11.93 22.14
N TYR B 167 -16.36 11.39 22.43
CA TYR B 167 -17.07 10.58 21.45
C TYR B 167 -18.57 10.94 21.40
N ILE B 168 -19.23 10.48 20.35
CA ILE B 168 -20.67 10.69 20.18
C ILE B 168 -21.25 9.43 19.60
N THR B 169 -22.54 9.22 19.84
CA THR B 169 -23.25 8.20 19.11
C THR B 169 -24.13 8.95 18.12
N ALA B 170 -24.05 8.55 16.86
CA ALA B 170 -24.82 9.20 15.80
C ALA B 170 -26.27 8.72 15.84
N PRO B 171 -27.17 9.40 15.09
CA PRO B 171 -28.47 8.77 14.93
C PRO B 171 -28.35 7.45 14.17
N GLU B 173 -25.75 6.05 10.54
CA GLU B 173 -24.40 5.81 10.03
C GLU B 173 -23.41 6.74 10.65
N ALA B 174 -22.48 6.18 11.42
CA ALA B 174 -21.33 6.90 11.93
C ALA B 174 -20.59 7.62 10.81
N GLU B 175 -20.56 7.00 9.63
CA GLU B 175 -19.94 7.62 8.45
C GLU B 175 -20.68 8.90 8.00
N ALA B 176 -22.02 8.88 7.98
CA ALA B 176 -22.77 10.05 7.57
C ALA B 176 -22.55 11.17 8.58
N GLN B 177 -22.53 10.80 9.84
CA GLN B 177 -22.32 11.76 10.89
C GLN B 177 -20.95 12.43 10.83
N CYS B 178 -19.92 11.64 10.52
CA CYS B 178 -18.57 12.14 10.32
C CYS B 178 -18.52 13.22 9.24
N ALA B 179 -19.18 12.94 8.12
CA ALA B 179 -19.28 13.88 7.01
C ALA B 179 -20.04 15.17 7.42
N GLU B 180 -20.95 15.03 8.36
CA GLU B 180 -21.71 16.17 8.86
C GLU B 180 -20.87 17.06 9.79
N LEU B 181 -20.11 16.43 10.69
CA LEU B 181 -19.20 17.15 11.59
C LEU B 181 -18.23 18.01 10.79
N LEU B 182 -17.78 17.49 9.66
CA LEU B 182 -16.88 18.24 8.80
C LEU B 182 -17.50 19.52 8.22
N GLN B 183 -18.75 19.45 7.79
CA GLN B 183 -19.43 20.61 7.19
C GLN B 183 -19.76 21.67 8.24
N LEU B 184 -19.94 21.24 9.49
CA LEU B 184 -20.16 22.15 10.60
C LEU B 184 -18.88 22.75 11.16
N ASN B 185 -17.75 22.43 10.54
CA ASN B 185 -16.42 22.84 10.98
C ASN B 185 -16.07 22.40 12.41
N LEU B 186 -16.70 21.31 12.85
CA LEU B 186 -16.42 20.77 14.17
C LEU B 186 -15.21 19.83 14.20
N VAL B 187 -14.79 19.37 13.02
CA VAL B 187 -13.52 18.65 12.83
C VAL B 187 -12.86 19.19 11.55
N ASP B 188 -11.58 18.88 11.34
CA ASP B 188 -10.89 19.37 10.15
C ASP B 188 -10.67 18.31 9.08
N GLY B 189 -11.08 17.07 9.36
CA GLY B 189 -10.99 16.00 8.41
C GLY B 189 -11.56 14.71 8.98
N ILE B 190 -11.73 13.69 8.15
CA ILE B 190 -12.21 12.40 8.62
C ILE B 190 -11.14 11.34 8.43
N ILE B 191 -10.91 10.55 9.46
CA ILE B 191 -10.04 9.40 9.36
C ILE B 191 -10.90 8.17 9.17
N THR B 192 -10.91 7.63 7.96
CA THR B 192 -11.72 6.49 7.64
C THR B 192 -11.12 5.79 6.43
N ASP B 193 -11.24 4.48 6.36
CA ASP B 193 -10.82 3.74 5.19
C ASP B 193 -12.04 3.25 4.40
N ASP B 194 -13.22 3.75 4.82
CA ASP B 194 -14.52 3.47 4.20
C ASP B 194 -14.84 4.47 3.06
N SER B 195 -14.91 3.99 1.83
CA SER B 195 -15.19 4.88 0.73
C SER B 195 -16.65 5.37 0.69
N ASP B 196 -17.51 4.76 1.49
CA ASP B 196 -18.91 5.22 1.60
C ASP B 196 -18.97 6.69 2.01
N VAL B 197 -18.02 7.11 2.84
CA VAL B 197 -18.01 8.45 3.41
C VAL B 197 -18.16 9.53 2.32
N PHE B 198 -17.71 9.23 1.09
CA PHE B 198 -17.80 10.18 -0.02
C PHE B 198 -19.24 10.29 -0.52
N LEU B 199 -19.94 9.15 -0.50
CA LEU B 199 -21.34 9.06 -0.87
C LEU B 199 -22.22 9.96 0.00
N PHE B 200 -21.84 10.11 1.27
CA PHE B 200 -22.58 10.96 2.21
C PHE B 200 -22.07 12.38 2.19
N GLY B 201 -21.22 12.71 1.25
CA GLY B 201 -20.70 14.07 1.12
C GLY B 201 -19.46 14.45 1.92
N GLY B 202 -18.78 13.46 2.52
CA GLY B 202 -17.53 13.72 3.21
C GLY B 202 -16.40 14.12 2.26
N THR B 203 -15.65 15.17 2.58
CA THR B 203 -14.73 15.71 1.60
C THR B 203 -13.26 15.80 1.98
N LYS B 204 -12.86 15.45 3.20
CA LYS B 204 -11.41 15.57 3.53
C LYS B 204 -10.88 14.32 4.23
N ILE B 205 -10.68 13.29 3.43
CA ILE B 205 -10.56 11.94 3.94
C ILE B 205 -9.11 11.54 4.06
N TYR B 206 -8.78 10.90 5.17
CA TYR B 206 -7.43 10.49 5.47
C TYR B 206 -7.34 8.97 5.54
N LYS B 207 -6.94 8.36 4.43
CA LYS B 207 -6.91 6.90 4.29
C LYS B 207 -5.59 6.28 4.78
N ASN B 208 -5.66 5.04 5.27
CA ASN B 208 -4.52 4.23 5.70
C ASN B 208 -3.80 4.77 6.93
N PHE B 210 -3.63 3.47 9.85
CA PHE B 210 -3.14 2.45 10.78
C PHE B 210 -2.39 1.34 10.09
N HIS B 211 -2.01 1.58 8.85
CA HIS B 211 -0.92 0.86 8.22
C HIS B 211 0.39 1.21 8.95
N GLU B 212 1.39 0.32 8.89
CA GLU B 212 2.72 0.57 9.48
C GLU B 212 3.48 1.63 8.68
N LYS B 213 3.03 2.88 8.79
CA LYS B 213 3.48 3.97 7.93
C LYS B 213 3.51 5.26 8.71
N ASN B 214 4.31 6.22 8.29
CA ASN B 214 4.35 7.50 8.98
C ASN B 214 3.83 8.65 8.07
N TYR B 215 3.15 8.28 6.99
CA TYR B 215 2.36 9.20 6.17
C TYR B 215 1.02 8.56 5.85
N VAL B 216 0.04 9.40 5.52
CA VAL B 216 -1.30 8.90 5.13
C VAL B 216 -1.71 9.42 3.76
N GLU B 217 -2.79 8.87 3.24
CA GLU B 217 -3.34 9.31 1.96
C GLU B 217 -4.45 10.32 2.20
N PHE B 218 -4.41 11.46 1.51
CA PHE B 218 -5.45 12.49 1.62
C PHE B 218 -6.31 12.64 0.37
N TYR B 219 -7.60 12.40 0.54
CA TYR B 219 -8.55 12.50 -0.54
C TYR B 219 -9.56 13.63 -0.33
N ASP B 220 -9.85 14.37 -1.37
CA ASP B 220 -10.90 15.37 -1.24
C ASP B 220 -11.87 15.38 -2.45
N ALA B 221 -13.06 15.90 -2.25
CA ALA B 221 -14.11 15.82 -3.26
C ALA B 221 -13.78 16.69 -4.48
N GLU B 222 -12.96 17.71 -4.29
CA GLU B 222 -12.65 18.66 -5.34
C GLU B 222 -11.57 18.18 -6.32
N SER B 223 -10.73 17.23 -5.90
CA SER B 223 -9.76 16.69 -6.85
C SER B 223 -10.41 15.59 -7.66
N ILE B 224 -11.33 14.86 -7.04
CA ILE B 224 -12.07 13.83 -7.72
C ILE B 224 -12.94 14.43 -8.84
N LEU B 225 -13.57 15.57 -8.60
CA LEU B 225 -14.36 16.25 -9.62
C LEU B 225 -13.50 16.88 -10.72
N LYS B 226 -12.29 17.30 -10.39
CA LYS B 226 -11.50 18.02 -11.37
C LYS B 226 -10.76 17.03 -12.25
N LEU B 227 -10.31 15.93 -11.65
CA LEU B 227 -9.41 15.01 -12.33
C LEU B 227 -10.16 13.82 -12.91
N LEU B 228 -11.27 13.45 -12.28
CA LEU B 228 -12.03 12.29 -12.72
C LEU B 228 -13.38 12.67 -13.30
N GLY B 229 -13.77 13.93 -13.15
CA GLY B 229 -15.06 14.41 -13.59
C GLY B 229 -16.22 13.95 -12.73
N LEU B 230 -15.92 13.18 -11.69
CA LEU B 230 -16.97 12.58 -10.85
C LEU B 230 -17.39 13.47 -9.70
N ASP B 231 -18.70 13.75 -9.61
CA ASP B 231 -19.30 14.47 -8.48
C ASP B 231 -20.09 13.51 -7.59
N ARG B 232 -20.82 14.04 -6.63
CA ARG B 232 -21.48 13.19 -5.63
C ARG B 232 -22.68 12.34 -6.15
N LYS B 233 -23.43 12.83 -7.13
CA LYS B 233 -24.50 11.99 -7.68
C LYS B 233 -23.85 10.83 -8.42
N ASN B 234 -22.80 11.11 -9.21
CA ASN B 234 -22.03 10.08 -9.91
C ASN B 234 -21.58 8.93 -9.02
N ILE B 236 -22.70 8.00 -6.22
CA ILE B 236 -23.84 7.21 -5.77
C ILE B 236 -24.21 6.22 -6.87
N GLU B 237 -24.14 6.69 -8.11
CA GLU B 237 -24.47 5.86 -9.25
C GLU B 237 -23.46 4.73 -9.38
N LEU B 238 -22.18 5.04 -9.24
CA LEU B 238 -21.14 4.02 -9.26
C LEU B 238 -21.36 2.93 -8.22
N ALA B 239 -21.92 3.30 -7.07
CA ALA B 239 -22.11 2.35 -5.99
C ALA B 239 -23.12 1.28 -6.38
N GLN B 240 -24.06 1.67 -7.22
CA GLN B 240 -25.14 0.78 -7.66
C GLN B 240 -24.66 -0.13 -8.76
N LEU B 241 -23.52 0.22 -9.35
CA LEU B 241 -22.84 -0.65 -10.28
C LEU B 241 -21.98 -1.64 -9.50
N LEU B 242 -21.17 -1.13 -8.55
CA LEU B 242 -20.12 -1.90 -7.87
C LEU B 242 -20.51 -2.53 -6.54
N GLY B 243 -21.21 -1.79 -5.70
CA GLY B 243 -21.68 -2.30 -4.43
C GLY B 243 -21.43 -1.36 -3.26
N SER B 244 -22.22 -1.52 -2.21
CA SER B 244 -22.05 -0.78 -0.96
C SER B 244 -22.45 -1.72 0.15
N ASP B 245 -22.53 -1.20 1.37
CA ASP B 245 -23.25 -1.90 2.42
C ASP B 245 -24.75 -1.78 2.10
N TYR B 246 -25.08 -0.92 1.16
CA TYR B 246 -26.46 -0.62 0.81
C TYR B 246 -26.96 -1.39 -0.41
N THR B 247 -26.09 -1.56 -1.41
CA THR B 247 -26.50 -2.21 -2.63
C THR B 247 -25.58 -3.38 -2.96
N ASN B 248 -26.18 -4.50 -3.36
CA ASN B 248 -25.41 -5.70 -3.69
C ASN B 248 -24.71 -5.58 -5.04
N GLY B 249 -25.06 -4.54 -5.80
CA GLY B 249 -24.35 -4.22 -7.03
C GLY B 249 -24.74 -5.06 -8.23
N LEU B 250 -24.22 -4.71 -9.41
CA LEU B 250 -24.42 -5.53 -10.62
C LEU B 250 -23.27 -6.51 -10.80
N LYS B 251 -23.57 -7.80 -10.73
CA LYS B 251 -22.56 -8.85 -10.89
C LYS B 251 -21.79 -8.72 -12.21
N GLY B 252 -20.48 -8.53 -12.09
CA GLY B 252 -19.56 -8.50 -13.23
C GLY B 252 -18.98 -7.13 -13.50
N GLY B 254 -16.81 -3.67 -12.63
CA GLY B 254 -15.62 -3.30 -11.90
C GLY B 254 -15.22 -1.87 -12.19
N PRO B 255 -14.13 -1.40 -11.58
CA PRO B 255 -13.61 -0.04 -11.70
C PRO B 255 -13.51 0.44 -13.14
N VAL B 256 -12.87 -0.34 -14.00
CA VAL B 256 -12.74 0.11 -15.38
C VAL B 256 -14.09 0.10 -16.08
N SER B 257 -14.93 -0.87 -15.76
CA SER B 257 -16.25 -0.96 -16.38
C SER B 257 -17.12 0.24 -16.02
N SER B 258 -17.44 0.34 -14.74
CA SER B 258 -18.24 1.41 -14.19
C SER B 258 -17.84 2.83 -14.59
N ILE B 259 -16.57 3.09 -14.79
CA ILE B 259 -16.18 4.43 -15.26
C ILE B 259 -16.56 4.59 -16.72
N GLU B 260 -16.35 3.53 -17.49
CA GLU B 260 -16.63 3.58 -18.93
C GLU B 260 -18.13 3.70 -19.21
N VAL B 261 -18.94 3.07 -18.38
CA VAL B 261 -20.39 3.22 -18.50
C VAL B 261 -20.82 4.67 -18.28
N ILE B 262 -20.45 5.23 -17.14
CA ILE B 262 -20.72 6.64 -16.83
C ILE B 262 -20.24 7.56 -17.94
N ALA B 263 -19.02 7.31 -18.41
CA ALA B 263 -18.41 8.15 -19.42
C ALA B 263 -19.11 8.07 -20.78
N GLU B 264 -19.83 6.98 -21.03
CA GLU B 264 -20.54 6.84 -22.30
C GLU B 264 -21.96 7.37 -22.17
N PHE B 265 -22.53 7.26 -20.98
CA PHE B 265 -23.96 7.50 -20.79
C PHE B 265 -24.33 8.58 -19.76
N GLY B 266 -23.40 9.46 -19.39
CA GLY B 266 -23.70 10.51 -18.45
C GLY B 266 -24.25 10.07 -17.08
N ASN B 267 -25.37 9.33 -17.10
CA ASN B 267 -25.98 8.80 -15.89
C ASN B 267 -26.59 7.43 -16.11
N LEU B 268 -27.16 6.83 -15.07
CA LEU B 268 -27.66 5.46 -15.15
C LEU B 268 -29.06 5.30 -15.74
N LYS B 269 -29.69 6.38 -16.17
CA LYS B 269 -30.99 6.22 -16.85
C LYS B 269 -30.75 5.90 -18.31
N ASN B 270 -29.88 6.65 -18.96
CA ASN B 270 -29.44 6.32 -20.32
C ASN B 270 -28.56 5.07 -20.38
N PHE B 271 -28.37 4.43 -19.24
CA PHE B 271 -27.74 3.12 -19.24
C PHE B 271 -28.83 2.05 -19.29
N LYS B 272 -29.87 2.25 -18.48
CA LYS B 272 -30.96 1.27 -18.35
C LYS B 272 -31.82 1.20 -19.59
N ASP B 273 -32.07 2.34 -20.21
CA ASP B 273 -32.87 2.35 -21.43
C ASP B 273 -32.11 1.59 -22.52
N TRP B 274 -30.83 1.91 -22.68
CA TRP B 274 -30.04 1.29 -23.73
C TRP B 274 -29.89 -0.23 -23.55
N TYR B 275 -30.11 -0.76 -22.35
CA TYR B 275 -29.98 -2.21 -22.15
C TYR B 275 -31.36 -2.88 -22.08
N ASN B 276 -32.40 -2.06 -21.99
CA ASN B 276 -33.75 -2.60 -21.97
C ASN B 276 -34.45 -2.38 -23.32
N ASN B 277 -34.04 -1.32 -24.01
CA ASN B 277 -34.50 -1.12 -25.37
C ASN B 277 -33.91 -2.18 -26.30
N GLY B 278 -32.62 -2.47 -26.15
CA GLY B 278 -31.93 -3.40 -27.05
C GLY B 278 -32.15 -4.89 -26.82
N GLN B 279 -32.39 -5.28 -25.56
CA GLN B 279 -32.43 -6.69 -25.14
C GLN B 279 -33.28 -7.64 -26.01
N PHE B 280 -34.22 -7.08 -26.77
CA PHE B 280 -34.99 -7.84 -27.74
C PHE B 280 -35.04 -7.06 -29.05
N LYS B 290 -20.14 -1.62 -30.61
CA LYS B 290 -18.71 -1.46 -30.41
C LYS B 290 -18.37 -1.64 -28.92
N PHE B 291 -18.19 -0.54 -28.18
CA PHE B 291 -18.11 -0.63 -26.71
C PHE B 291 -19.43 -1.12 -26.15
N GLU B 292 -20.51 -0.65 -26.77
CA GLU B 292 -21.86 -1.07 -26.41
C GLU B 292 -22.00 -2.56 -26.70
N LYS B 293 -21.37 -3.00 -27.78
CA LYS B 293 -21.36 -4.40 -28.18
C LYS B 293 -20.86 -5.34 -27.08
N ASP B 294 -19.62 -5.14 -26.64
CA ASP B 294 -19.01 -6.04 -25.67
C ASP B 294 -19.77 -5.98 -24.34
N LEU B 295 -20.34 -4.82 -24.07
CA LEU B 295 -21.02 -4.60 -22.80
C LEU B 295 -22.34 -5.38 -22.72
N ARG B 296 -23.12 -5.36 -23.81
CA ARG B 296 -24.40 -6.08 -23.79
C ARG B 296 -24.13 -7.58 -23.63
N LYS B 297 -23.07 -8.05 -24.29
CA LYS B 297 -22.62 -9.44 -24.19
C LYS B 297 -22.24 -9.83 -22.76
N LYS B 298 -21.57 -8.92 -22.04
CA LYS B 298 -21.13 -9.19 -20.66
C LYS B 298 -22.31 -9.26 -19.69
N LEU B 299 -23.17 -8.26 -19.76
CA LEU B 299 -24.38 -8.22 -18.94
C LEU B 299 -25.32 -9.40 -19.24
N VAL B 300 -25.51 -9.70 -20.53
CA VAL B 300 -26.26 -10.88 -20.94
C VAL B 300 -25.65 -12.10 -20.26
N ASN B 301 -24.34 -12.29 -20.45
CA ASN B 301 -23.63 -13.41 -19.85
C ASN B 301 -23.66 -13.37 -18.33
N ASN B 302 -23.76 -12.16 -17.77
CA ASN B 302 -23.94 -11.99 -16.32
C ASN B 302 -25.37 -12.30 -15.84
N GLU B 303 -26.29 -12.43 -16.79
CA GLU B 303 -27.71 -12.73 -16.52
C GLU B 303 -28.32 -11.64 -15.64
N ILE B 304 -28.36 -10.41 -16.16
CA ILE B 304 -28.65 -9.23 -15.36
C ILE B 304 -29.99 -8.60 -15.72
N ILE B 305 -30.74 -8.17 -14.69
CA ILE B 305 -32.09 -7.64 -14.89
C ILE B 305 -32.28 -6.22 -14.35
N LEU B 306 -32.29 -5.24 -15.24
CA LEU B 306 -32.50 -3.84 -14.90
C LEU B 306 -33.98 -3.41 -14.91
N ASP B 307 -34.72 -3.68 -13.84
CA ASP B 307 -36.15 -3.36 -13.78
C ASP B 307 -36.46 -1.87 -13.64
N ASP B 308 -37.65 -1.55 -13.12
CA ASP B 308 -38.06 -0.15 -12.97
C ASP B 308 -37.77 0.35 -11.56
N ASP B 309 -37.42 -0.58 -10.68
CA ASP B 309 -36.89 -0.22 -9.38
C ASP B 309 -35.47 0.34 -9.49
N PHE B 310 -34.74 -0.02 -10.54
CA PHE B 310 -33.37 0.43 -10.81
C PHE B 310 -33.42 1.63 -11.73
N PRO B 311 -32.58 2.65 -11.48
CA PRO B 311 -31.65 2.83 -10.35
C PRO B 311 -32.36 3.16 -9.03
N SER B 312 -32.15 2.32 -8.01
CA SER B 312 -32.84 2.42 -6.73
C SER B 312 -32.81 3.82 -6.15
N VAL B 313 -33.93 4.51 -6.23
CA VAL B 313 -34.07 5.85 -5.68
C VAL B 313 -33.96 5.81 -4.16
N VAL B 315 -31.66 3.91 -2.59
CA VAL B 315 -30.24 4.05 -2.40
C VAL B 315 -29.86 5.52 -2.49
N TYR B 316 -30.30 6.16 -3.57
CA TYR B 316 -29.92 7.55 -3.80
C TYR B 316 -30.25 8.44 -2.60
N ASP B 317 -31.39 8.19 -1.95
CA ASP B 317 -31.81 9.03 -0.82
C ASP B 317 -31.20 8.59 0.49
N ALA B 318 -30.80 7.34 0.59
CA ALA B 318 -30.08 6.86 1.75
C ALA B 318 -28.74 7.60 1.85
N TYR B 319 -28.15 7.90 0.70
CA TYR B 319 -26.89 8.61 0.65
C TYR B 319 -27.09 10.13 0.66
N ARG B 321 -29.60 12.04 1.65
CA ARG B 321 -30.26 12.64 2.79
C ARG B 321 -30.31 11.66 3.94
N PRO B 322 -29.13 11.36 4.51
CA PRO B 322 -29.00 10.44 5.65
C PRO B 322 -29.34 11.14 6.95
N GLU B 323 -29.85 10.38 7.91
CA GLU B 323 -30.22 10.93 9.20
C GLU B 323 -28.95 11.28 9.97
N VAL B 324 -28.69 12.58 10.08
CA VAL B 324 -27.51 13.12 10.76
C VAL B 324 -27.90 14.19 11.79
N ASP B 325 -27.23 14.15 12.92
CA ASP B 325 -27.41 15.13 13.97
C ASP B 325 -26.81 16.47 13.52
N HIS B 326 -27.28 17.57 14.07
CA HIS B 326 -26.90 18.89 13.53
C HIS B 326 -26.34 19.79 14.62
N ASP B 327 -26.31 19.29 15.85
CA ASP B 327 -25.61 19.90 16.98
C ASP B 327 -24.34 20.69 16.55
N THR B 328 -24.18 21.93 17.00
CA THR B 328 -23.06 22.75 16.57
C THR B 328 -22.09 23.03 17.72
N THR B 329 -22.40 22.46 18.87
CA THR B 329 -21.53 22.49 20.03
C THR B 329 -20.13 21.92 19.76
N PRO B 330 -19.08 22.76 19.85
CA PRO B 330 -17.73 22.22 19.70
C PRO B 330 -17.40 21.10 20.71
N PHE B 331 -16.52 20.19 20.31
CA PHE B 331 -16.15 19.12 21.18
C PHE B 331 -15.12 19.63 22.18
N VAL B 332 -14.99 18.91 23.28
CA VAL B 332 -14.04 19.26 24.33
C VAL B 332 -13.01 18.15 24.49
N TRP B 333 -11.73 18.49 24.42
CA TRP B 333 -10.72 17.45 24.53
C TRP B 333 -10.10 17.39 25.94
N GLY B 334 -10.13 16.19 26.52
CA GLY B 334 -9.54 15.97 27.84
C GLY B 334 -8.12 15.39 27.88
N VAL B 335 -7.35 15.81 28.89
CA VAL B 335 -5.97 15.36 29.09
C VAL B 335 -5.93 13.99 29.75
N PRO B 336 -5.20 13.03 29.15
CA PRO B 336 -5.32 11.62 29.57
C PRO B 336 -5.02 11.35 31.05
N ASP B 337 -5.34 10.14 31.51
CA ASP B 337 -5.24 9.80 32.92
C ASP B 337 -4.55 8.45 33.09
N LEU B 338 -3.23 8.50 33.24
CA LEU B 338 -2.39 7.30 33.28
C LEU B 338 -2.87 6.36 34.37
N ASP B 339 -3.30 6.97 35.47
CA ASP B 339 -3.82 6.27 36.64
C ASP B 339 -5.01 5.36 36.32
N LEU B 341 -6.02 4.72 33.31
CA LEU B 341 -5.59 3.92 32.17
C LEU B 341 -4.68 2.76 32.60
N ARG B 342 -3.81 2.99 33.58
CA ARG B 342 -2.99 1.90 34.12
C ARG B 342 -3.92 0.86 34.71
N SER B 343 -4.79 1.32 35.60
CA SER B 343 -5.75 0.48 36.25
C SER B 343 -6.55 -0.35 35.24
N PHE B 344 -7.10 0.34 34.23
CA PHE B 344 -7.88 -0.28 33.16
C PHE B 344 -7.09 -1.40 32.46
N LYS B 346 -4.41 -3.01 33.45
CA LYS B 346 -4.14 -4.10 34.37
C LYS B 346 -5.35 -5.06 34.46
N THR B 347 -6.55 -4.50 34.64
CA THR B 347 -7.75 -5.31 34.88
C THR B 347 -8.29 -6.05 33.65
N GLN B 348 -8.25 -5.41 32.49
CA GLN B 348 -8.81 -6.01 31.28
C GLN B 348 -7.87 -7.03 30.62
N LEU B 349 -6.59 -6.66 30.52
CA LEU B 349 -5.63 -7.47 29.75
C LEU B 349 -4.45 -8.01 30.56
N GLY B 350 -4.35 -7.63 31.83
CA GLY B 350 -3.26 -8.06 32.68
C GLY B 350 -1.94 -7.38 32.33
N TRP B 351 -1.87 -6.07 32.56
CA TRP B 351 -0.67 -5.29 32.32
C TRP B 351 -0.18 -4.61 33.59
N PRO B 352 1.08 -4.89 33.98
CA PRO B 352 1.77 -4.16 35.06
C PRO B 352 1.77 -2.66 34.81
N HIS B 353 1.78 -1.87 35.88
CA HIS B 353 1.72 -0.42 35.79
C HIS B 353 2.93 0.21 35.07
N GLU B 354 4.11 -0.37 35.25
CA GLU B 354 5.31 0.10 34.56
C GLU B 354 5.19 -0.10 33.03
N LYS B 355 4.65 -1.25 32.62
CA LYS B 355 4.38 -1.54 31.22
C LYS B 355 3.46 -0.51 30.57
N SER B 356 2.41 -0.10 31.28
CA SER B 356 1.48 0.91 30.77
C SER B 356 2.11 2.31 30.77
N ASP B 357 2.81 2.64 31.86
CA ASP B 357 3.54 3.90 32.02
C ASP B 357 4.47 4.20 30.85
N GLU B 358 5.20 3.18 30.40
CA GLU B 358 6.25 3.33 29.38
C GLU B 358 5.68 3.77 28.05
N ILE B 359 4.47 3.34 27.76
CA ILE B 359 3.76 3.72 26.54
C ILE B 359 3.15 5.11 26.69
N LEU B 360 2.61 5.39 27.88
CA LEU B 360 1.75 6.55 28.10
C LEU B 360 2.49 7.79 28.58
N ILE B 361 3.54 7.60 29.38
CA ILE B 361 4.26 8.73 29.94
C ILE B 361 4.65 9.72 28.83
N PRO B 362 5.34 9.27 27.75
CA PRO B 362 5.64 10.23 26.67
C PRO B 362 4.40 10.80 25.95
N LEU B 363 3.31 11.07 26.68
CA LEU B 363 2.13 11.68 26.10
C LEU B 363 1.53 12.73 27.04
N ILE B 364 2.18 13.89 27.12
CA ILE B 364 1.68 15.01 27.94
C ILE B 364 2.47 16.28 27.66
#